data_3OTB
#
_entry.id   3OTB
#
_cell.length_a   140.912
_cell.length_b   140.912
_cell.length_c   81.227
_cell.angle_alpha   90.00
_cell.angle_beta   90.00
_cell.angle_gamma   90.00
#
_symmetry.space_group_name_H-M   'P 43 21 2'
#
loop_
_entity.id
_entity.type
_entity.pdbx_description
1 polymer 'tRNA(His) guanylyltransferase'
2 non-polymer "2'-DEOXYGUANOSINE-5'-TRIPHOSPHATE"
3 non-polymer 'MAGNESIUM ION'
4 non-polymer TRIPHOSPHATE
#
_entity_poly.entity_id   1
_entity_poly.type   'polypeptide(L)'
_entity_poly.pdbx_seq_one_letter_code
;MAKSKFEYVRDFEADDTCLAHCWVVVRLDGRNFHRFAEKHNFAKPNDSRALQLMTKCAQTVMEELEDIVIAYGQSDEYSF
VFKRKTNWFKRRASKFMTHVASQFASSYVFYWRDYFEDQPLLYPPGFDGRVVVYPSNQTLKDYLSWRQADCHINNLYNTV
FWALIQQSGLTPVQAQGRLQGTLAADKNEILFSEFNINYNNELPMYRKGTVLIWQKVDEVMTKEIKLPTEMEGKKMAVTR
TRTKPVPLHCDIIGDAFWKEHPEILDEDS
;
_entity_poly.pdbx_strand_id   A,B
#
# COMPACT_ATOMS: atom_id res chain seq x y z
N SER A 4 9.56 11.01 28.16
CA SER A 4 9.29 9.82 27.31
C SER A 4 8.87 8.60 28.13
N LYS A 5 9.85 7.78 28.51
CA LYS A 5 9.63 6.57 29.31
C LYS A 5 9.23 5.38 28.47
N PHE A 6 9.03 5.62 27.19
CA PHE A 6 8.62 4.54 26.28
C PHE A 6 9.15 4.81 24.88
N GLU A 7 9.48 6.07 24.60
CA GLU A 7 9.95 6.47 23.28
C GLU A 7 11.27 5.87 22.83
N TYR A 8 11.98 5.22 23.75
CA TYR A 8 13.24 4.61 23.37
C TYR A 8 13.03 3.57 22.26
N VAL A 9 11.86 2.92 22.27
CA VAL A 9 11.53 1.88 21.30
C VAL A 9 11.64 2.37 19.86
N ARG A 10 11.59 3.69 19.70
CA ARG A 10 11.69 4.28 18.36
C ARG A 10 13.10 4.03 17.81
N ASP A 11 14.06 3.88 18.69
CA ASP A 11 15.45 3.67 18.27
C ASP A 11 15.67 2.42 17.40
N PHE A 12 14.83 1.41 17.56
CA PHE A 12 14.97 0.17 16.79
C PHE A 12 14.62 0.27 15.31
N GLU A 13 14.21 1.44 14.86
CA GLU A 13 13.87 1.60 13.47
C GLU A 13 15.13 1.73 12.59
N ALA A 14 15.45 0.66 11.86
CA ALA A 14 16.62 0.59 10.98
C ALA A 14 16.57 1.43 9.71
N ASP A 15 17.72 1.96 9.32
CA ASP A 15 17.84 2.78 8.11
C ASP A 15 17.49 1.95 6.86
N ASP A 16 17.06 2.60 5.79
CA ASP A 16 16.77 1.91 4.56
C ASP A 16 17.01 2.83 3.38
N THR A 17 17.93 3.76 3.58
CA THR A 17 18.28 4.71 2.53
C THR A 17 18.80 4.01 1.29
N CYS A 18 18.38 4.49 0.13
CA CYS A 18 18.80 3.91 -1.15
C CYS A 18 20.08 4.58 -1.59
N LEU A 19 20.94 3.82 -2.25
CA LEU A 19 22.24 4.33 -2.68
C LEU A 19 22.19 5.56 -3.58
N ALA A 20 22.83 6.63 -3.10
CA ALA A 20 22.90 7.90 -3.82
C ALA A 20 23.21 7.79 -5.31
N HIS A 21 22.79 8.80 -6.09
CA HIS A 21 23.02 8.83 -7.53
C HIS A 21 22.62 7.55 -8.25
N CYS A 22 21.58 6.90 -7.76
CA CYS A 22 21.11 5.67 -8.37
C CYS A 22 19.63 5.75 -8.67
N TRP A 23 19.23 5.07 -9.74
CA TRP A 23 17.82 5.04 -10.10
C TRP A 23 17.11 4.14 -9.08
N VAL A 24 16.08 4.69 -8.47
CA VAL A 24 15.27 3.92 -7.53
C VAL A 24 14.07 3.48 -8.33
N VAL A 25 13.60 2.26 -8.10
CA VAL A 25 12.49 1.70 -8.85
C VAL A 25 11.55 0.95 -7.92
N VAL A 26 10.27 1.28 -7.99
CA VAL A 26 9.28 0.59 -7.16
C VAL A 26 8.45 -0.25 -8.10
N ARG A 27 8.36 -1.55 -7.85
CA ARG A 27 7.56 -2.39 -8.72
C ARG A 27 6.41 -3.03 -7.98
N LEU A 28 5.22 -2.67 -8.41
CA LEU A 28 3.98 -3.15 -7.84
C LEU A 28 3.42 -4.32 -8.63
N ASP A 29 2.91 -5.32 -7.93
CA ASP A 29 2.31 -6.46 -8.61
C ASP A 29 1.18 -7.02 -7.75
N GLY A 30 -0.02 -6.96 -8.32
CA GLY A 30 -1.21 -7.44 -7.64
C GLY A 30 -1.07 -8.82 -7.00
N ARG A 31 -1.57 -8.93 -5.78
CA ARG A 31 -1.53 -10.19 -5.06
C ARG A 31 -2.67 -11.10 -5.53
N ASN A 32 -2.38 -12.38 -5.58
CA ASN A 32 -3.36 -13.37 -5.97
C ASN A 32 -4.32 -12.91 -7.07
N PHE A 33 -3.87 -12.00 -7.92
CA PHE A 33 -4.66 -11.51 -9.04
C PHE A 33 -5.16 -12.59 -10.01
N HIS A 34 -4.50 -13.73 -10.03
CA HIS A 34 -4.96 -14.81 -10.89
C HIS A 34 -6.41 -15.08 -10.44
N ARG A 35 -6.60 -15.23 -9.13
CA ARG A 35 -7.92 -15.47 -8.55
C ARG A 35 -8.86 -14.25 -8.66
N PHE A 36 -8.27 -13.06 -8.75
CA PHE A 36 -9.04 -11.83 -8.85
C PHE A 36 -9.67 -11.73 -10.24
N ALA A 37 -8.84 -11.90 -11.27
CA ALA A 37 -9.31 -11.82 -12.66
C ALA A 37 -10.43 -12.82 -12.89
N GLU A 38 -10.33 -13.96 -12.21
CA GLU A 38 -11.32 -15.02 -12.28
C GLU A 38 -12.69 -14.49 -11.86
N LYS A 39 -12.78 -14.15 -10.58
CA LYS A 39 -13.98 -13.62 -9.94
C LYS A 39 -14.54 -12.33 -10.55
N HIS A 40 -13.75 -11.63 -11.37
CA HIS A 40 -14.22 -10.38 -11.97
C HIS A 40 -14.29 -10.53 -13.49
N ASN A 41 -14.27 -11.80 -13.93
CA ASN A 41 -14.36 -12.18 -15.34
C ASN A 41 -13.51 -11.31 -16.25
N PHE A 42 -12.20 -11.53 -16.19
CA PHE A 42 -11.28 -10.78 -17.02
C PHE A 42 -11.17 -11.49 -18.36
N ALA A 43 -10.98 -10.69 -19.40
CA ALA A 43 -10.86 -11.21 -20.75
C ALA A 43 -9.48 -11.79 -21.02
N LYS A 44 -9.45 -12.98 -21.61
CA LYS A 44 -8.20 -13.64 -21.98
C LYS A 44 -7.96 -13.33 -23.46
N PRO A 45 -6.70 -13.05 -23.84
CA PRO A 45 -5.52 -13.01 -22.96
C PRO A 45 -5.34 -11.61 -22.39
N ASN A 46 -6.12 -10.66 -22.90
CA ASN A 46 -6.08 -9.27 -22.48
C ASN A 46 -7.48 -8.77 -22.17
N ASP A 47 -7.59 -7.82 -21.25
CA ASP A 47 -8.88 -7.26 -20.84
C ASP A 47 -8.75 -5.73 -20.78
N SER A 48 -9.04 -5.06 -21.90
CA SER A 48 -8.94 -3.59 -22.00
C SER A 48 -9.28 -2.82 -20.72
N ARG A 49 -10.26 -3.30 -19.97
CA ARG A 49 -10.66 -2.64 -18.73
C ARG A 49 -9.52 -2.66 -17.72
N ALA A 50 -9.10 -3.87 -17.32
CA ALA A 50 -8.02 -4.07 -16.38
C ALA A 50 -6.78 -3.21 -16.70
N LEU A 51 -6.18 -3.46 -17.86
CA LEU A 51 -5.00 -2.72 -18.30
C LEU A 51 -5.13 -1.20 -18.16
N GLN A 52 -6.31 -0.67 -18.46
CA GLN A 52 -6.50 0.79 -18.39
C GLN A 52 -6.75 1.26 -16.98
N LEU A 53 -7.35 0.40 -16.15
CA LEU A 53 -7.56 0.76 -14.74
C LEU A 53 -6.18 0.84 -14.11
N MET A 54 -5.35 -0.16 -14.40
CA MET A 54 -3.99 -0.22 -13.89
C MET A 54 -3.27 1.02 -14.35
N THR A 55 -3.37 1.33 -15.64
CA THR A 55 -2.69 2.50 -16.18
C THR A 55 -3.26 3.75 -15.53
N LYS A 56 -4.49 3.65 -15.06
CA LYS A 56 -5.13 4.78 -14.41
C LYS A 56 -4.41 4.96 -13.07
N CYS A 57 -4.62 4.00 -12.16
CA CYS A 57 -3.98 4.04 -10.86
C CYS A 57 -2.55 4.55 -11.01
N ALA A 58 -1.82 3.97 -11.95
CA ALA A 58 -0.44 4.33 -12.21
C ALA A 58 -0.25 5.83 -12.31
N GLN A 59 -1.18 6.50 -12.99
CA GLN A 59 -1.10 7.96 -13.16
C GLN A 59 -1.41 8.67 -11.86
N THR A 60 -2.37 8.13 -11.12
CA THR A 60 -2.75 8.68 -9.83
C THR A 60 -1.46 8.81 -9.06
N VAL A 61 -0.75 7.68 -8.96
CA VAL A 61 0.53 7.58 -8.28
C VAL A 61 1.54 8.61 -8.82
N MET A 62 1.78 8.60 -10.13
CA MET A 62 2.71 9.56 -10.73
C MET A 62 2.37 11.02 -10.47
N GLU A 63 1.16 11.29 -9.99
CA GLU A 63 0.76 12.67 -9.71
C GLU A 63 0.77 12.97 -8.23
N GLU A 64 0.25 12.05 -7.43
CA GLU A 64 0.21 12.22 -5.99
C GLU A 64 1.56 12.12 -5.32
N LEU A 65 2.47 11.35 -5.90
CA LEU A 65 3.81 11.21 -5.36
C LEU A 65 4.70 12.18 -6.16
N GLU A 66 6.01 12.02 -6.10
CA GLU A 66 6.89 12.94 -6.84
C GLU A 66 8.05 12.28 -7.56
N ASP A 67 8.93 13.13 -8.09
CA ASP A 67 10.13 12.73 -8.81
C ASP A 67 10.04 11.46 -9.66
N ILE A 68 8.84 11.07 -10.07
CA ILE A 68 8.71 9.88 -10.90
C ILE A 68 8.87 10.32 -12.35
N VAL A 69 9.96 9.91 -12.99
CA VAL A 69 10.21 10.31 -14.37
C VAL A 69 9.69 9.32 -15.40
N ILE A 70 9.07 8.23 -14.95
CA ILE A 70 8.57 7.24 -15.89
C ILE A 70 7.97 6.03 -15.21
N ALA A 71 7.05 5.38 -15.91
CA ALA A 71 6.40 4.21 -15.36
C ALA A 71 6.16 3.26 -16.52
N TYR A 72 5.96 1.99 -16.21
CA TYR A 72 5.71 1.00 -17.22
C TYR A 72 4.78 -0.04 -16.61
N GLY A 73 3.77 -0.43 -17.38
CA GLY A 73 2.81 -1.39 -16.87
C GLY A 73 2.59 -2.56 -17.82
N GLN A 74 2.04 -3.62 -17.26
CA GLN A 74 1.78 -4.84 -18.00
C GLN A 74 1.18 -5.80 -16.98
N SER A 75 0.47 -6.82 -17.44
CA SER A 75 -0.16 -7.78 -16.55
C SER A 75 -0.63 -7.10 -15.24
N ASP A 76 -0.53 -7.81 -14.12
CA ASP A 76 -0.96 -7.24 -12.86
C ASP A 76 0.14 -6.43 -12.20
N GLU A 77 0.87 -5.64 -12.97
CA GLU A 77 1.99 -4.89 -12.42
C GLU A 77 2.34 -3.55 -13.05
N TYR A 78 3.10 -2.77 -12.29
CA TYR A 78 3.55 -1.49 -12.73
C TYR A 78 4.86 -1.14 -12.01
N SER A 79 5.73 -0.45 -12.74
CA SER A 79 7.03 -0.08 -12.19
C SER A 79 7.11 1.40 -12.30
N PHE A 80 7.61 2.02 -11.25
CA PHE A 80 7.75 3.45 -11.21
C PHE A 80 9.23 3.73 -11.02
N VAL A 81 9.76 4.59 -11.87
CA VAL A 81 11.18 4.91 -11.82
C VAL A 81 11.44 6.33 -11.36
N PHE A 82 11.87 6.51 -10.12
CA PHE A 82 12.10 7.87 -9.63
C PHE A 82 13.42 8.46 -10.14
N LYS A 83 13.45 9.78 -10.33
CA LYS A 83 14.64 10.49 -10.83
C LYS A 83 15.82 10.17 -9.91
N ARG A 84 16.92 9.72 -10.50
CA ARG A 84 18.07 9.30 -9.71
C ARG A 84 18.64 10.26 -8.68
N LYS A 85 18.50 11.55 -8.89
CA LYS A 85 19.02 12.47 -7.89
C LYS A 85 17.91 12.83 -6.89
N THR A 86 16.83 12.06 -6.92
CA THR A 86 15.72 12.31 -6.03
C THR A 86 16.21 12.43 -4.61
N ASN A 87 15.48 13.20 -3.83
CA ASN A 87 15.81 13.41 -2.44
C ASN A 87 14.52 13.31 -1.65
N TRP A 88 13.48 12.86 -2.35
CA TRP A 88 12.17 12.70 -1.76
C TRP A 88 12.20 11.68 -0.61
N PHE A 89 11.93 12.14 0.61
CA PHE A 89 11.91 11.26 1.77
C PHE A 89 13.30 10.75 2.16
N LYS A 90 14.31 11.51 1.75
CA LYS A 90 15.69 11.17 2.08
C LYS A 90 15.98 9.78 1.50
N ARG A 91 15.35 9.47 0.38
CA ARG A 91 15.56 8.19 -0.28
C ARG A 91 15.26 6.99 0.62
N ARG A 92 14.38 7.14 1.59
CA ARG A 92 14.05 6.01 2.44
C ARG A 92 13.23 4.96 1.70
N ALA A 93 13.84 3.83 1.38
CA ALA A 93 13.13 2.78 0.66
C ALA A 93 11.72 2.46 1.19
N SER A 94 11.59 2.36 2.50
CA SER A 94 10.29 2.03 3.08
C SER A 94 9.19 3.01 2.64
N LYS A 95 9.49 4.30 2.59
CA LYS A 95 8.50 5.30 2.16
C LYS A 95 8.12 5.03 0.71
N PHE A 96 9.09 5.19 -0.19
CA PHE A 96 8.89 4.94 -1.61
C PHE A 96 7.96 3.77 -1.93
N MET A 97 8.19 2.62 -1.33
CA MET A 97 7.34 1.51 -1.66
C MET A 97 5.96 1.53 -1.03
N THR A 98 5.85 1.90 0.25
CA THR A 98 4.52 1.90 0.87
C THR A 98 3.59 2.98 0.34
N HIS A 99 4.11 4.16 0.01
CA HIS A 99 3.20 5.18 -0.52
C HIS A 99 2.69 4.72 -1.87
N VAL A 100 3.62 4.40 -2.77
CA VAL A 100 3.24 3.90 -4.07
C VAL A 100 2.21 2.79 -3.91
N ALA A 101 2.53 1.77 -3.13
CA ALA A 101 1.61 0.65 -2.94
C ALA A 101 0.24 1.03 -2.41
N SER A 102 0.19 1.83 -1.34
CA SER A 102 -1.10 2.23 -0.76
C SER A 102 -1.91 3.09 -1.75
N GLN A 103 -1.30 4.18 -2.22
CA GLN A 103 -1.95 5.06 -3.18
C GLN A 103 -2.63 4.25 -4.29
N PHE A 104 -1.81 3.46 -4.99
CA PHE A 104 -2.28 2.62 -6.08
C PHE A 104 -3.51 1.79 -5.66
N ALA A 105 -3.43 1.11 -4.52
CA ALA A 105 -4.51 0.25 -4.01
C ALA A 105 -5.83 0.96 -3.67
N SER A 106 -5.75 2.21 -3.23
CA SER A 106 -6.94 2.97 -2.88
C SER A 106 -7.51 3.53 -4.18
N SER A 107 -6.63 3.87 -5.12
CA SER A 107 -7.08 4.39 -6.42
C SER A 107 -7.77 3.29 -7.20
N TYR A 108 -7.32 2.05 -6.98
CA TYR A 108 -7.93 0.92 -7.69
C TYR A 108 -9.43 0.88 -7.36
N VAL A 109 -9.78 0.59 -6.11
CA VAL A 109 -11.18 0.54 -5.71
C VAL A 109 -11.93 1.84 -6.07
N PHE A 110 -11.26 2.99 -5.95
CA PHE A 110 -11.89 4.26 -6.28
C PHE A 110 -12.41 4.22 -7.71
N TYR A 111 -11.49 4.32 -8.69
CA TYR A 111 -11.85 4.31 -10.10
C TYR A 111 -12.32 2.96 -10.69
N TRP A 112 -12.70 2.01 -9.84
CA TRP A 112 -13.15 0.71 -10.34
C TRP A 112 -14.35 0.83 -11.27
N ARG A 113 -15.35 1.60 -10.86
CA ARG A 113 -16.55 1.80 -11.66
C ARG A 113 -16.25 2.37 -13.05
N ASP A 114 -15.37 3.37 -13.13
CA ASP A 114 -15.04 3.99 -14.41
C ASP A 114 -14.56 3.03 -15.49
N TYR A 115 -14.13 1.84 -15.08
CA TYR A 115 -13.61 0.88 -16.03
C TYR A 115 -14.39 -0.42 -16.09
N PHE A 116 -15.04 -0.78 -14.98
CA PHE A 116 -15.84 -2.00 -14.91
C PHE A 116 -17.21 -1.56 -14.42
N GLU A 117 -17.82 -0.65 -15.17
CA GLU A 117 -19.13 -0.11 -14.83
C GLU A 117 -20.16 -1.19 -14.56
N ASP A 118 -20.14 -2.23 -15.38
CA ASP A 118 -21.07 -3.35 -15.24
C ASP A 118 -20.68 -4.28 -14.10
N GLN A 119 -19.43 -4.73 -14.12
CA GLN A 119 -18.89 -5.66 -13.13
C GLN A 119 -18.75 -5.10 -11.73
N PRO A 120 -19.24 -5.86 -10.72
CA PRO A 120 -19.17 -5.46 -9.32
C PRO A 120 -17.89 -5.94 -8.59
N LEU A 121 -17.12 -5.00 -8.05
CA LEU A 121 -15.90 -5.34 -7.33
C LEU A 121 -16.32 -6.19 -6.12
N LEU A 122 -15.95 -7.47 -6.14
CA LEU A 122 -16.32 -8.42 -5.07
C LEU A 122 -15.70 -8.25 -3.69
N TYR A 123 -14.42 -7.89 -3.64
CA TYR A 123 -13.71 -7.66 -2.39
C TYR A 123 -12.61 -6.65 -2.66
N PRO A 124 -11.94 -6.16 -1.60
CA PRO A 124 -10.85 -5.18 -1.77
C PRO A 124 -9.56 -5.98 -2.09
N PRO A 125 -8.91 -5.65 -3.22
CA PRO A 125 -7.69 -6.24 -3.76
C PRO A 125 -6.33 -5.90 -3.11
N GLY A 126 -5.41 -6.85 -3.18
CA GLY A 126 -4.08 -6.65 -2.63
C GLY A 126 -2.94 -6.40 -3.62
N PHE A 127 -1.96 -5.64 -3.20
CA PHE A 127 -0.81 -5.36 -4.03
C PHE A 127 0.44 -5.47 -3.18
N ASP A 128 1.56 -5.81 -3.82
CA ASP A 128 2.83 -5.95 -3.12
C ASP A 128 3.79 -4.95 -3.72
N GLY A 129 4.80 -4.56 -2.94
CA GLY A 129 5.79 -3.63 -3.46
C GLY A 129 7.21 -4.09 -3.20
N ARG A 130 8.15 -3.26 -3.64
CA ARG A 130 9.57 -3.48 -3.46
C ARG A 130 10.28 -2.35 -4.12
N VAL A 131 11.50 -2.08 -3.63
CA VAL A 131 12.32 -1.02 -4.20
C VAL A 131 13.55 -1.74 -4.73
N VAL A 132 14.10 -1.21 -5.83
CA VAL A 132 15.28 -1.78 -6.43
C VAL A 132 16.12 -0.66 -7.01
N VAL A 133 17.40 -0.66 -6.67
CA VAL A 133 18.31 0.38 -7.12
C VAL A 133 19.18 -0.02 -8.31
N TYR A 134 19.14 0.79 -9.37
CA TYR A 134 19.94 0.51 -10.56
C TYR A 134 20.96 1.63 -10.70
N PRO A 135 22.25 1.27 -10.67
CA PRO A 135 23.40 2.17 -10.75
C PRO A 135 23.67 2.90 -12.03
N SER A 136 23.19 2.36 -13.15
CA SER A 136 23.44 2.99 -14.44
C SER A 136 22.21 3.10 -15.31
N ASN A 137 22.26 4.01 -16.28
CA ASN A 137 21.15 4.19 -17.19
C ASN A 137 20.96 2.88 -17.95
N GLN A 138 22.07 2.22 -18.25
CA GLN A 138 22.07 0.95 -18.99
C GLN A 138 21.32 -0.13 -18.21
N THR A 139 21.65 -0.27 -16.93
CA THR A 139 21.00 -1.26 -16.10
C THR A 139 19.51 -0.96 -15.96
N LEU A 140 19.17 0.32 -15.79
CA LEU A 140 17.77 0.74 -15.68
C LEU A 140 17.04 0.37 -16.96
N LYS A 141 17.60 0.83 -18.08
CA LYS A 141 17.04 0.55 -19.38
C LYS A 141 16.84 -0.96 -19.53
N ASP A 142 17.85 -1.71 -19.13
CA ASP A 142 17.80 -3.16 -19.20
C ASP A 142 16.66 -3.70 -18.35
N TYR A 143 16.42 -3.04 -17.23
CA TYR A 143 15.35 -3.45 -16.34
C TYR A 143 14.02 -3.36 -17.08
N LEU A 144 13.80 -2.21 -17.69
CA LEU A 144 12.58 -1.99 -18.44
C LEU A 144 12.45 -3.03 -19.54
N SER A 145 13.48 -3.10 -20.38
CA SER A 145 13.46 -4.08 -21.45
C SER A 145 13.09 -5.44 -20.85
N TRP A 146 13.65 -5.77 -19.69
CA TRP A 146 13.34 -7.04 -19.06
C TRP A 146 11.84 -7.19 -18.86
N ARG A 147 11.20 -6.08 -18.51
CA ARG A 147 9.77 -6.07 -18.27
C ARG A 147 8.95 -6.14 -19.54
N GLN A 148 9.20 -5.21 -20.46
CA GLN A 148 8.47 -5.19 -21.73
C GLN A 148 8.64 -6.53 -22.43
N ALA A 149 9.88 -7.00 -22.47
CA ALA A 149 10.22 -8.27 -23.09
C ALA A 149 9.47 -9.40 -22.37
N ASP A 150 9.34 -9.29 -21.06
CA ASP A 150 8.63 -10.32 -20.32
C ASP A 150 7.20 -10.27 -20.85
N CYS A 151 6.69 -9.06 -21.03
CA CYS A 151 5.34 -8.82 -21.53
C CYS A 151 5.14 -9.49 -22.88
N HIS A 152 6.01 -9.16 -23.82
CA HIS A 152 5.95 -9.71 -25.17
C HIS A 152 6.01 -11.24 -25.21
N ILE A 153 6.75 -11.83 -24.28
CA ILE A 153 6.89 -13.28 -24.21
C ILE A 153 5.68 -13.93 -23.59
N ASN A 154 4.92 -13.18 -22.83
CA ASN A 154 3.75 -13.74 -22.19
C ASN A 154 2.51 -13.58 -23.05
N ASN A 155 2.42 -12.43 -23.69
CA ASN A 155 1.28 -12.13 -24.56
C ASN A 155 1.28 -13.04 -25.77
N LEU A 156 2.45 -13.24 -26.38
CA LEU A 156 2.55 -14.11 -27.54
C LEU A 156 2.26 -15.55 -27.12
N TYR A 157 2.47 -15.87 -25.84
CA TYR A 157 2.21 -17.22 -25.39
C TYR A 157 0.75 -17.39 -25.05
N ASN A 158 0.19 -16.41 -24.35
CA ASN A 158 -1.20 -16.48 -23.93
C ASN A 158 -2.18 -16.33 -25.09
N THR A 159 -1.86 -15.45 -26.03
CA THR A 159 -2.71 -15.23 -27.19
C THR A 159 -2.99 -16.54 -27.90
N VAL A 160 -1.94 -17.27 -28.22
CA VAL A 160 -2.07 -18.56 -28.90
C VAL A 160 -2.42 -19.68 -27.92
N PHE A 161 -2.31 -19.40 -26.63
CA PHE A 161 -2.63 -20.39 -25.62
C PHE A 161 -4.14 -20.43 -25.43
N TRP A 162 -4.77 -19.27 -25.48
CA TRP A 162 -6.21 -19.18 -25.30
C TRP A 162 -6.99 -19.39 -26.58
N ALA A 163 -6.33 -19.24 -27.72
CA ALA A 163 -6.98 -19.45 -29.00
C ALA A 163 -7.16 -20.95 -29.22
N LEU A 164 -6.31 -21.74 -28.58
CA LEU A 164 -6.39 -23.19 -28.69
C LEU A 164 -7.41 -23.76 -27.71
N ILE A 165 -7.72 -23.00 -26.67
CA ILE A 165 -8.68 -23.45 -25.68
C ILE A 165 -10.08 -23.01 -26.06
N GLN A 166 -10.17 -21.74 -26.43
CA GLN A 166 -11.45 -21.16 -26.82
C GLN A 166 -11.81 -21.52 -28.26
N GLN A 167 -11.22 -20.81 -29.22
CA GLN A 167 -11.49 -21.02 -30.63
C GLN A 167 -11.06 -22.36 -31.24
N SER A 168 -10.39 -23.20 -30.47
CA SER A 168 -9.95 -24.50 -30.99
C SER A 168 -10.50 -25.66 -30.16
N GLY A 169 -11.14 -25.33 -29.05
CA GLY A 169 -11.72 -26.36 -28.19
C GLY A 169 -10.75 -27.37 -27.60
N LEU A 170 -9.65 -26.89 -27.02
CA LEU A 170 -8.67 -27.77 -26.38
C LEU A 170 -8.58 -27.48 -24.89
N THR A 171 -8.42 -28.54 -24.11
CA THR A 171 -8.29 -28.40 -22.66
C THR A 171 -6.93 -27.76 -22.40
N PRO A 172 -6.78 -27.01 -21.31
CA PRO A 172 -5.49 -26.38 -21.03
C PRO A 172 -4.29 -27.35 -21.13
N VAL A 173 -4.37 -28.47 -20.42
CA VAL A 173 -3.32 -29.47 -20.41
C VAL A 173 -2.79 -29.81 -21.82
N GLN A 174 -3.66 -29.67 -22.81
CA GLN A 174 -3.33 -29.95 -24.20
C GLN A 174 -2.55 -28.80 -24.82
N ALA A 175 -3.18 -27.63 -24.86
CA ALA A 175 -2.58 -26.42 -25.43
C ALA A 175 -1.15 -26.18 -24.93
N GLN A 176 -0.87 -26.60 -23.70
CA GLN A 176 0.47 -26.42 -23.14
C GLN A 176 1.38 -27.50 -23.73
N GLY A 177 0.83 -28.72 -23.85
CA GLY A 177 1.59 -29.82 -24.40
C GLY A 177 1.88 -29.58 -25.87
N ARG A 178 1.00 -28.84 -26.54
CA ARG A 178 1.17 -28.53 -27.96
C ARG A 178 2.12 -27.35 -28.19
N LEU A 179 2.17 -26.40 -27.26
CA LEU A 179 3.05 -25.24 -27.39
C LEU A 179 4.46 -25.46 -26.83
N GLN A 180 4.63 -26.53 -26.06
CA GLN A 180 5.93 -26.85 -25.48
C GLN A 180 7.00 -27.00 -26.55
N GLY A 181 8.05 -26.20 -26.46
CA GLY A 181 9.13 -26.28 -27.43
C GLY A 181 8.98 -25.42 -28.67
N THR A 182 7.89 -24.68 -28.78
CA THR A 182 7.71 -23.85 -29.95
C THR A 182 8.60 -22.63 -29.87
N LEU A 183 9.05 -22.16 -31.02
CA LEU A 183 9.90 -20.99 -31.09
C LEU A 183 8.99 -19.79 -31.29
N ALA A 184 9.58 -18.63 -31.57
CA ALA A 184 8.82 -17.41 -31.81
C ALA A 184 7.97 -17.58 -33.06
N ALA A 185 8.62 -17.94 -34.16
CA ALA A 185 7.92 -18.15 -35.44
C ALA A 185 6.97 -19.32 -35.34
N ASP A 186 7.23 -20.23 -34.40
CA ASP A 186 6.39 -21.41 -34.22
C ASP A 186 4.99 -21.02 -33.77
N LYS A 187 4.91 -20.23 -32.69
CA LYS A 187 3.62 -19.81 -32.18
C LYS A 187 2.99 -18.83 -33.16
N ASN A 188 3.78 -17.86 -33.61
CA ASN A 188 3.31 -16.83 -34.53
C ASN A 188 2.65 -17.43 -35.76
N GLU A 189 3.06 -18.65 -36.10
CA GLU A 189 2.50 -19.33 -37.26
C GLU A 189 1.23 -20.05 -36.84
N ILE A 190 1.27 -20.73 -35.70
CA ILE A 190 0.10 -21.43 -35.20
C ILE A 190 -1.10 -20.48 -35.16
N LEU A 191 -0.80 -19.18 -35.11
CA LEU A 191 -1.84 -18.14 -35.09
C LEU A 191 -2.34 -17.85 -36.49
N PHE A 192 -1.45 -17.25 -37.28
CA PHE A 192 -1.74 -16.87 -38.66
C PHE A 192 -2.38 -17.99 -39.49
N SER A 193 -1.95 -19.22 -39.29
CA SER A 193 -2.46 -20.36 -40.05
C SER A 193 -3.51 -21.23 -39.39
N GLU A 194 -3.59 -21.19 -38.06
CA GLU A 194 -4.56 -22.02 -37.38
C GLU A 194 -5.80 -21.27 -36.85
N PHE A 195 -5.76 -19.94 -36.91
CA PHE A 195 -6.88 -19.11 -36.45
C PHE A 195 -6.98 -17.83 -37.28
N ASN A 196 -6.10 -17.73 -38.28
CA ASN A 196 -6.07 -16.58 -39.17
C ASN A 196 -5.84 -15.28 -38.39
N ILE A 197 -5.04 -15.36 -37.34
CA ILE A 197 -4.73 -14.20 -36.51
C ILE A 197 -3.31 -13.71 -36.74
N ASN A 198 -3.19 -12.47 -37.22
CA ASN A 198 -1.88 -11.91 -37.45
C ASN A 198 -1.49 -11.19 -36.15
N TYR A 199 -0.66 -11.87 -35.36
CA TYR A 199 -0.21 -11.33 -34.09
C TYR A 199 0.19 -9.87 -34.19
N ASN A 200 1.12 -9.58 -35.10
CA ASN A 200 1.63 -8.22 -35.29
C ASN A 200 0.56 -7.15 -35.43
N ASN A 201 -0.70 -7.56 -35.58
CA ASN A 201 -1.80 -6.61 -35.71
C ASN A 201 -2.54 -6.42 -34.38
N GLU A 202 -2.21 -7.27 -33.40
CA GLU A 202 -2.83 -7.21 -32.06
C GLU A 202 -2.64 -5.82 -31.46
N LEU A 203 -3.52 -5.43 -30.54
CA LEU A 203 -3.43 -4.11 -29.92
C LEU A 203 -2.04 -3.86 -29.32
N PRO A 204 -1.43 -2.72 -29.64
CA PRO A 204 -0.10 -2.35 -29.15
C PRO A 204 0.02 -2.25 -27.62
N MET A 205 -1.11 -2.44 -26.94
CA MET A 205 -1.15 -2.38 -25.48
C MET A 205 -1.12 -3.79 -24.93
N TYR A 206 -1.18 -4.77 -25.83
CA TYR A 206 -1.15 -6.16 -25.40
C TYR A 206 0.22 -6.77 -25.61
N ARG A 207 0.91 -6.34 -26.67
CA ARG A 207 2.21 -6.88 -27.00
C ARG A 207 3.40 -5.96 -26.71
N LYS A 208 3.10 -4.77 -26.18
CA LYS A 208 4.16 -3.83 -25.83
C LYS A 208 3.96 -3.31 -24.42
N GLY A 209 2.77 -3.52 -23.88
CA GLY A 209 2.45 -3.05 -22.53
C GLY A 209 2.04 -1.59 -22.52
N THR A 210 2.43 -0.85 -21.48
CA THR A 210 2.06 0.57 -21.41
C THR A 210 3.19 1.37 -20.81
N VAL A 211 3.42 2.57 -21.35
CA VAL A 211 4.47 3.46 -20.87
C VAL A 211 3.78 4.73 -20.38
N LEU A 212 4.45 5.50 -19.53
CA LEU A 212 3.88 6.73 -19.01
C LEU A 212 4.90 7.84 -18.91
N ILE A 213 4.66 8.94 -19.61
CA ILE A 213 5.57 10.07 -19.61
C ILE A 213 4.84 11.41 -19.45
N TRP A 214 5.56 12.44 -19.04
CA TRP A 214 4.95 13.75 -18.88
C TRP A 214 4.90 14.51 -20.21
N GLN A 215 3.77 15.18 -20.47
CA GLN A 215 3.59 15.96 -21.70
C GLN A 215 2.65 17.14 -21.46
N THR A 243 1.76 19.84 -16.98
CA THR A 243 1.65 18.74 -17.93
C THR A 243 1.00 17.51 -17.28
N LYS A 244 0.91 16.40 -18.02
CA LYS A 244 0.29 15.18 -17.51
C LYS A 244 0.91 13.88 -18.03
N PRO A 245 0.67 12.76 -17.31
CA PRO A 245 1.18 11.43 -17.65
C PRO A 245 0.44 10.77 -18.82
N VAL A 246 0.95 10.97 -20.03
CA VAL A 246 0.35 10.41 -21.23
C VAL A 246 0.78 8.97 -21.50
N PRO A 247 -0.19 8.05 -21.60
CA PRO A 247 0.11 6.63 -21.86
C PRO A 247 0.54 6.41 -23.32
N LEU A 248 1.39 5.41 -23.53
CA LEU A 248 1.89 5.07 -24.85
C LEU A 248 2.05 3.56 -24.92
N HIS A 249 2.17 3.03 -26.14
CA HIS A 249 2.34 1.60 -26.32
C HIS A 249 3.43 1.33 -27.33
N CYS A 250 4.52 2.09 -27.22
CA CYS A 250 5.65 1.97 -28.13
C CYS A 250 6.75 1.15 -27.51
N ASP A 251 7.71 0.72 -28.33
CA ASP A 251 8.82 -0.06 -27.84
C ASP A 251 9.79 0.83 -27.07
N ILE A 252 10.25 0.35 -25.92
CA ILE A 252 11.19 1.10 -25.08
C ILE A 252 12.53 0.37 -25.00
N ILE A 253 12.61 -0.76 -25.69
CA ILE A 253 13.83 -1.57 -25.73
C ILE A 253 14.79 -1.03 -26.78
N GLY A 254 14.25 -0.29 -27.75
CA GLY A 254 15.08 0.25 -28.82
C GLY A 254 15.53 1.69 -28.63
N ASP A 255 16.83 1.92 -28.86
CA ASP A 255 17.46 3.23 -28.73
C ASP A 255 16.55 4.36 -29.19
N ALA A 256 15.82 4.11 -30.26
CA ALA A 256 14.91 5.11 -30.80
C ALA A 256 14.13 5.81 -29.70
N PHE A 257 13.24 5.06 -29.06
CA PHE A 257 12.42 5.62 -27.99
C PHE A 257 13.18 6.57 -27.08
N TRP A 258 14.41 6.20 -26.72
CA TRP A 258 15.20 7.01 -25.83
C TRP A 258 15.82 8.25 -26.48
N LYS A 259 16.32 8.10 -27.71
CA LYS A 259 16.90 9.24 -28.41
C LYS A 259 15.77 10.22 -28.73
N GLU A 260 14.55 9.68 -28.76
CA GLU A 260 13.35 10.47 -29.03
C GLU A 260 12.90 11.19 -27.75
N HIS A 261 13.27 10.63 -26.60
CA HIS A 261 12.91 11.19 -25.30
C HIS A 261 14.11 11.21 -24.36
N PRO A 262 14.98 12.23 -24.49
CA PRO A 262 16.19 12.38 -23.66
C PRO A 262 16.00 13.16 -22.35
N GLU A 263 14.84 13.79 -22.20
CA GLU A 263 14.55 14.57 -20.99
C GLU A 263 14.33 13.63 -19.79
N ILE A 264 14.12 12.36 -20.11
CA ILE A 264 13.86 11.33 -19.12
C ILE A 264 15.09 10.83 -18.34
N LEU A 265 16.15 10.44 -19.04
CA LEU A 265 17.36 9.93 -18.39
C LEU A 265 18.43 10.96 -18.08
N ASP A 266 18.86 11.72 -19.10
CA ASP A 266 19.87 12.75 -18.88
C ASP A 266 19.19 13.96 -18.27
N GLU A 267 19.18 14.03 -16.94
CA GLU A 267 18.54 15.12 -16.23
C GLU A 267 19.43 15.64 -15.12
N SER B 4 17.53 -15.79 -21.26
CA SER B 4 17.27 -14.51 -20.54
C SER B 4 17.68 -13.27 -21.36
N LYS B 5 18.93 -12.85 -21.20
CA LYS B 5 19.48 -11.69 -21.91
C LYS B 5 19.11 -10.36 -21.27
N PHE B 6 18.27 -10.40 -20.23
CA PHE B 6 17.84 -9.19 -19.54
C PHE B 6 17.55 -9.48 -18.08
N GLU B 7 17.30 -10.74 -17.77
CA GLU B 7 16.95 -11.16 -16.42
C GLU B 7 18.04 -10.99 -15.36
N TYR B 8 19.24 -10.64 -15.78
CA TYR B 8 20.32 -10.44 -14.81
C TYR B 8 19.97 -9.29 -13.87
N VAL B 9 19.20 -8.32 -14.38
CA VAL B 9 18.79 -7.15 -13.59
C VAL B 9 18.07 -7.55 -12.31
N ARG B 10 17.54 -8.76 -12.28
CA ARG B 10 16.83 -9.25 -11.10
C ARG B 10 17.80 -9.41 -9.94
N ASP B 11 19.08 -9.63 -10.27
CA ASP B 11 20.09 -9.81 -9.24
C ASP B 11 20.27 -8.64 -8.28
N PHE B 12 19.96 -7.44 -8.73
CA PHE B 12 20.09 -6.25 -7.89
C PHE B 12 19.10 -6.10 -6.74
N GLU B 13 18.18 -7.04 -6.62
CA GLU B 13 17.19 -6.98 -5.56
C GLU B 13 17.79 -7.42 -4.22
N ALA B 14 18.04 -6.45 -3.35
CA ALA B 14 18.65 -6.67 -2.04
C ALA B 14 17.75 -7.36 -1.01
N ASP B 15 18.37 -8.17 -0.14
CA ASP B 15 17.65 -8.88 0.92
C ASP B 15 17.07 -7.88 1.92
N ASP B 16 16.01 -8.27 2.61
CA ASP B 16 15.39 -7.42 3.62
C ASP B 16 14.75 -8.27 4.70
N THR B 17 15.28 -9.48 4.87
CA THR B 17 14.79 -10.40 5.88
C THR B 17 14.87 -9.81 7.29
N CYS B 18 13.84 -10.04 8.09
CA CYS B 18 13.79 -9.52 9.46
C CYS B 18 14.46 -10.48 10.40
N LEU B 19 15.12 -9.96 11.43
CA LEU B 19 15.81 -10.83 12.36
C LEU B 19 14.99 -11.91 13.04
N ALA B 20 15.37 -13.17 12.81
CA ALA B 20 14.69 -14.32 13.40
C ALA B 20 14.31 -14.19 14.87
N HIS B 21 13.30 -14.95 15.28
CA HIS B 21 12.82 -14.94 16.67
C HIS B 21 12.56 -13.54 17.21
N CYS B 22 12.09 -12.65 16.35
CA CYS B 22 11.81 -11.30 16.77
C CYS B 22 10.43 -10.89 16.33
N TRP B 23 9.80 -10.02 17.13
CA TRP B 23 8.49 -9.53 16.79
C TRP B 23 8.66 -8.56 15.64
N VAL B 24 7.91 -8.80 14.57
CA VAL B 24 7.93 -7.90 13.44
C VAL B 24 6.69 -7.03 13.65
N VAL B 25 6.80 -5.74 13.31
CA VAL B 25 5.72 -4.80 13.49
C VAL B 25 5.57 -3.88 12.30
N VAL B 26 4.38 -3.80 11.72
CA VAL B 26 4.15 -2.91 10.59
C VAL B 26 3.29 -1.76 11.09
N ARG B 27 3.75 -0.53 10.94
CA ARG B 27 2.96 0.58 11.40
C ARG B 27 2.55 1.48 10.27
N LEU B 28 1.24 1.54 10.07
CA LEU B 28 0.64 2.34 9.02
C LEU B 28 0.17 3.69 9.57
N ASP B 29 0.34 4.74 8.78
CA ASP B 29 -0.08 6.06 9.16
C ASP B 29 -0.45 6.88 7.93
N GLY B 30 -1.73 7.26 7.89
CA GLY B 30 -2.24 8.03 6.78
C GLY B 30 -1.40 9.21 6.37
N ARG B 31 -1.22 9.38 5.07
CA ARG B 31 -0.45 10.49 4.55
C ARG B 31 -1.34 11.71 4.47
N ASN B 32 -0.74 12.85 4.74
CA ASN B 32 -1.40 14.14 4.72
C ASN B 32 -2.84 14.12 5.24
N PHE B 33 -3.14 13.18 6.14
CA PHE B 33 -4.48 13.04 6.72
C PHE B 33 -5.01 14.29 7.40
N HIS B 34 -4.13 15.18 7.80
CA HIS B 34 -4.56 16.41 8.43
C HIS B 34 -5.47 17.08 7.38
N ARG B 35 -4.97 17.15 6.13
CA ARG B 35 -5.73 17.74 5.03
C ARG B 35 -6.94 16.90 4.62
N PHE B 36 -6.86 15.59 4.86
CA PHE B 36 -7.93 14.67 4.51
C PHE B 36 -9.13 14.88 5.44
N ALA B 37 -8.90 14.86 6.75
CA ALA B 37 -9.96 15.05 7.74
C ALA B 37 -10.67 16.38 7.50
N GLU B 38 -9.93 17.38 7.04
CA GLU B 38 -10.43 18.71 6.73
C GLU B 38 -11.53 18.58 5.67
N LYS B 39 -11.11 18.17 4.47
CA LYS B 39 -11.98 17.99 3.32
C LYS B 39 -13.14 16.99 3.51
N HIS B 40 -13.07 16.17 4.55
CA HIS B 40 -14.12 15.18 4.77
C HIS B 40 -14.83 15.47 6.09
N ASN B 41 -14.63 16.69 6.57
CA ASN B 41 -15.23 17.21 7.80
C ASN B 41 -15.23 16.21 8.95
N PHE B 42 -14.05 15.98 9.51
CA PHE B 42 -13.92 15.05 10.61
C PHE B 42 -14.24 15.81 11.89
N ALA B 43 -14.79 15.08 12.86
CA ALA B 43 -15.15 15.65 14.13
C ALA B 43 -13.95 15.78 15.05
N LYS B 44 -13.82 16.96 15.68
CA LYS B 44 -12.75 17.22 16.62
C LYS B 44 -13.32 16.98 18.02
N PRO B 45 -12.53 16.35 18.92
CA PRO B 45 -11.18 15.86 18.70
C PRO B 45 -11.20 14.41 18.18
N ASN B 46 -12.38 13.81 18.19
CA ASN B 46 -12.57 12.45 17.74
C ASN B 46 -13.75 12.39 16.77
N ASP B 47 -13.72 11.45 15.83
CA ASP B 47 -14.77 11.29 14.83
C ASP B 47 -15.12 9.81 14.70
N SER B 48 -16.06 9.33 15.53
CA SER B 48 -16.48 7.93 15.55
C SER B 48 -16.42 7.20 14.21
N ARG B 49 -16.76 7.90 13.13
CA ARG B 49 -16.73 7.31 11.79
C ARG B 49 -15.29 6.87 11.42
N ALA B 50 -14.40 7.85 11.35
CA ALA B 50 -13.00 7.63 11.04
C ALA B 50 -12.40 6.48 11.84
N LEU B 51 -12.37 6.62 13.17
CA LEU B 51 -11.81 5.58 14.04
C LEU B 51 -12.32 4.18 13.75
N GLN B 52 -13.60 4.05 13.43
CA GLN B 52 -14.19 2.74 13.17
C GLN B 52 -13.90 2.25 11.76
N LEU B 53 -13.74 3.17 10.80
CA LEU B 53 -13.40 2.78 9.44
C LEU B 53 -11.96 2.22 9.51
N MET B 54 -11.09 2.93 10.23
CA MET B 54 -9.71 2.53 10.40
C MET B 54 -9.70 1.17 11.06
N THR B 55 -10.48 1.03 12.14
CA THR B 55 -10.53 -0.26 12.85
C THR B 55 -11.10 -1.34 11.92
N LYS B 56 -11.86 -0.89 10.95
CA LYS B 56 -12.45 -1.80 9.97
C LYS B 56 -11.28 -2.29 9.12
N CYS B 57 -10.75 -1.40 8.30
CA CYS B 57 -9.62 -1.73 7.44
C CYS B 57 -8.65 -2.65 8.19
N ALA B 58 -8.32 -2.25 9.41
CA ALA B 58 -7.42 -3.02 10.25
C ALA B 58 -7.76 -4.50 10.31
N GLN B 59 -9.05 -4.80 10.43
CA GLN B 59 -9.51 -6.19 10.52
C GLN B 59 -9.38 -6.86 9.17
N THR B 60 -9.69 -6.11 8.11
CA THR B 60 -9.57 -6.62 6.76
C THR B 60 -8.19 -7.21 6.68
N VAL B 61 -7.21 -6.36 7.01
CA VAL B 61 -5.80 -6.72 7.00
C VAL B 61 -5.55 -7.95 7.86
N MET B 62 -5.95 -7.91 9.13
CA MET B 62 -5.73 -9.06 10.02
C MET B 62 -6.34 -10.37 9.52
N GLU B 63 -7.22 -10.29 8.53
CA GLU B 63 -7.86 -11.49 8.00
C GLU B 63 -7.27 -11.90 6.66
N GLU B 64 -7.04 -10.93 5.79
CA GLU B 64 -6.47 -11.19 4.48
C GLU B 64 -4.98 -11.59 4.53
N LEU B 65 -4.25 -11.09 5.52
CA LEU B 65 -2.85 -11.43 5.68
C LEU B 65 -2.78 -12.54 6.72
N GLU B 66 -1.61 -12.82 7.28
CA GLU B 66 -1.51 -13.89 8.28
C GLU B 66 -0.68 -13.57 9.49
N ASP B 67 -0.46 -14.61 10.30
CA ASP B 67 0.31 -14.54 11.53
C ASP B 67 0.25 -13.25 12.33
N ILE B 68 -0.81 -12.46 12.18
CA ILE B 68 -0.93 -11.21 12.93
C ILE B 68 -1.60 -11.56 14.25
N VAL B 69 -0.85 -11.47 15.34
CA VAL B 69 -1.42 -11.79 16.64
C VAL B 69 -2.02 -10.61 17.38
N ILE B 70 -1.97 -9.43 16.80
CA ILE B 70 -2.55 -8.26 17.47
C ILE B 70 -2.36 -6.99 16.67
N ALA B 71 -3.25 -6.03 16.90
CA ALA B 71 -3.18 -4.76 16.21
C ALA B 71 -3.62 -3.71 17.20
N TYR B 72 -3.24 -2.46 16.92
CA TYR B 72 -3.57 -1.34 17.78
C TYR B 72 -3.72 -0.12 16.90
N GLY B 73 -4.80 0.62 17.12
CA GLY B 73 -5.07 1.80 16.31
C GLY B 73 -5.32 3.04 17.13
N GLN B 74 -5.27 4.19 16.46
CA GLN B 74 -5.44 5.48 17.09
C GLN B 74 -5.14 6.48 15.98
N SER B 75 -5.59 7.71 16.14
CA SER B 75 -5.40 8.73 15.12
C SER B 75 -5.38 8.13 13.70
N ASP B 76 -4.57 8.68 12.81
CA ASP B 76 -4.52 8.17 11.45
C ASP B 76 -3.53 7.01 11.31
N GLU B 77 -3.54 6.10 12.28
CA GLU B 77 -2.59 4.99 12.26
C GLU B 77 -3.01 3.66 12.88
N TYR B 78 -2.30 2.63 12.48
CA TYR B 78 -2.52 1.29 12.98
C TYR B 78 -1.21 0.52 12.95
N SER B 79 -1.03 -0.34 13.95
CA SER B 79 0.16 -1.14 14.07
C SER B 79 -0.26 -2.59 14.09
N PHE B 80 0.45 -3.40 13.31
CA PHE B 80 0.14 -4.80 13.23
C PHE B 80 1.36 -5.55 13.73
N VAL B 81 1.15 -6.47 14.65
CA VAL B 81 2.25 -7.20 15.24
C VAL B 81 2.22 -8.67 14.86
N PHE B 82 3.09 -9.07 13.95
CA PHE B 82 3.09 -10.47 13.53
C PHE B 82 3.76 -11.39 14.56
N LYS B 83 3.29 -12.65 14.63
CA LYS B 83 3.84 -13.63 15.57
C LYS B 83 5.34 -13.78 15.33
N ARG B 84 6.12 -13.65 16.40
CA ARG B 84 7.57 -13.67 16.26
C ARG B 84 8.21 -14.84 15.54
N LYS B 85 7.60 -16.00 15.55
CA LYS B 85 8.20 -17.11 14.84
C LYS B 85 7.61 -17.18 13.44
N THR B 86 6.95 -16.10 13.01
CA THR B 86 6.36 -16.09 11.69
C THR B 86 7.39 -16.47 10.66
N ASN B 87 6.91 -17.05 9.57
CA ASN B 87 7.76 -17.46 8.49
C ASN B 87 7.08 -17.03 7.19
N TRP B 88 6.07 -16.20 7.37
CA TRP B 88 5.29 -15.70 6.25
C TRP B 88 6.17 -14.87 5.32
N PHE B 89 6.34 -15.32 4.09
CA PHE B 89 7.14 -14.58 3.10
C PHE B 89 8.64 -14.55 3.44
N LYS B 90 9.06 -15.53 4.23
CA LYS B 90 10.45 -15.66 4.60
C LYS B 90 10.86 -14.40 5.36
N ARG B 91 9.91 -13.80 6.07
CA ARG B 91 10.18 -12.60 6.85
C ARG B 91 10.72 -11.44 6.02
N ARG B 92 10.41 -11.42 4.73
CA ARG B 92 10.88 -10.31 3.92
C ARG B 92 10.16 -9.00 4.28
N ALA B 93 10.87 -8.10 4.94
CA ALA B 93 10.29 -6.82 5.32
C ALA B 93 9.49 -6.13 4.22
N SER B 94 10.01 -6.10 3.00
CA SER B 94 9.30 -5.43 1.91
C SER B 94 7.88 -5.96 1.70
N LYS B 95 7.69 -7.28 1.80
CA LYS B 95 6.37 -7.89 1.64
C LYS B 95 5.45 -7.39 2.77
N PHE B 96 5.80 -7.77 4.01
CA PHE B 96 5.04 -7.36 5.18
C PHE B 96 4.49 -5.94 5.13
N MET B 97 5.32 -4.97 4.77
CA MET B 97 4.82 -3.62 4.75
C MET B 97 3.98 -3.26 3.55
N THR B 98 4.34 -3.71 2.35
CA THR B 98 3.53 -3.34 1.20
C THR B 98 2.19 -4.03 1.15
N HIS B 99 2.09 -5.26 1.61
CA HIS B 99 0.78 -5.90 1.57
C HIS B 99 -0.12 -5.18 2.56
N VAL B 100 0.32 -5.10 3.80
CA VAL B 100 -0.46 -4.41 4.82
C VAL B 100 -0.88 -3.05 4.28
N ALA B 101 0.06 -2.26 3.82
CA ALA B 101 -0.26 -0.93 3.31
C ALA B 101 -1.29 -0.90 2.16
N SER B 102 -1.09 -1.73 1.14
CA SER B 102 -2.01 -1.75 -0.02
C SER B 102 -3.40 -2.23 0.42
N GLN B 103 -3.45 -3.40 1.06
CA GLN B 103 -4.70 -3.98 1.54
C GLN B 103 -5.51 -2.92 2.27
N PHE B 104 -4.92 -2.35 3.30
CA PHE B 104 -5.54 -1.31 4.11
C PHE B 104 -6.12 -0.19 3.24
N ALA B 105 -5.30 0.35 2.33
CA ALA B 105 -5.71 1.46 1.44
C ALA B 105 -6.85 1.16 0.45
N SER B 106 -6.98 -0.09 0.02
CA SER B 106 -8.04 -0.47 -0.88
C SER B 106 -9.30 -0.71 -0.05
N SER B 107 -9.12 -1.22 1.18
CA SER B 107 -10.25 -1.47 2.07
C SER B 107 -10.84 -0.14 2.52
N TYR B 108 -9.99 0.87 2.61
CA TYR B 108 -10.46 2.17 3.04
C TYR B 108 -11.54 2.64 2.07
N VAL B 109 -11.17 2.93 0.82
CA VAL B 109 -12.14 3.38 -0.18
C VAL B 109 -13.33 2.41 -0.31
N PHE B 110 -13.07 1.11 -0.18
CA PHE B 110 -14.14 0.11 -0.27
C PHE B 110 -15.22 0.43 0.75
N TYR B 111 -14.94 0.13 2.02
CA TYR B 111 -15.89 0.37 3.10
C TYR B 111 -16.11 1.83 3.50
N TRP B 112 -15.77 2.78 2.63
CA TRP B 112 -15.96 4.19 2.96
C TRP B 112 -17.41 4.55 3.23
N ARG B 113 -18.30 4.08 2.35
CA ARG B 113 -19.72 4.34 2.50
C ARG B 113 -20.30 3.82 3.82
N ASP B 114 -19.92 2.60 4.21
CA ASP B 114 -20.41 2.00 5.45
C ASP B 114 -20.22 2.86 6.69
N TYR B 115 -19.30 3.82 6.62
CA TYR B 115 -19.00 4.65 7.77
C TYR B 115 -19.28 6.13 7.56
N PHE B 116 -19.19 6.57 6.31
CA PHE B 116 -19.44 7.97 5.95
C PHE B 116 -20.50 7.95 4.86
N GLU B 117 -21.64 7.34 5.16
CA GLU B 117 -22.73 7.21 4.22
C GLU B 117 -23.13 8.54 3.60
N ASP B 118 -23.15 9.58 4.41
CA ASP B 118 -23.52 10.91 3.94
C ASP B 118 -22.38 11.57 3.18
N GLN B 119 -21.22 11.61 3.82
CA GLN B 119 -20.02 12.24 3.26
C GLN B 119 -19.43 11.56 2.03
N PRO B 120 -19.13 12.35 0.98
CA PRO B 120 -18.55 11.84 -0.26
C PRO B 120 -17.00 11.82 -0.27
N LEU B 121 -16.41 10.65 -0.45
CA LEU B 121 -14.96 10.54 -0.51
C LEU B 121 -14.47 11.37 -1.71
N LEU B 122 -13.79 12.48 -1.42
CA LEU B 122 -13.31 13.39 -2.46
C LEU B 122 -12.21 12.93 -3.41
N TYR B 123 -11.23 12.18 -2.89
CA TYR B 123 -10.13 11.65 -3.69
C TYR B 123 -9.65 10.36 -3.00
N PRO B 124 -8.75 9.61 -3.66
CA PRO B 124 -8.22 8.37 -3.07
C PRO B 124 -7.06 8.74 -2.14
N PRO B 125 -7.15 8.31 -0.87
CA PRO B 125 -6.19 8.55 0.22
C PRO B 125 -4.87 7.76 0.24
N GLY B 126 -3.83 8.38 0.81
CA GLY B 126 -2.52 7.74 0.92
C GLY B 126 -2.15 7.25 2.30
N PHE B 127 -1.36 6.19 2.35
CA PHE B 127 -0.91 5.62 3.60
C PHE B 127 0.55 5.26 3.43
N ASP B 128 1.29 5.27 4.55
CA ASP B 128 2.72 4.96 4.53
C ASP B 128 2.94 3.75 5.44
N GLY B 129 4.01 3.02 5.19
CA GLY B 129 4.31 1.89 6.02
C GLY B 129 5.76 1.83 6.47
N ARG B 130 6.05 0.82 7.28
CA ARG B 130 7.37 0.57 7.77
C ARG B 130 7.32 -0.68 8.60
N VAL B 131 8.46 -1.36 8.69
CA VAL B 131 8.56 -2.56 9.50
C VAL B 131 9.55 -2.23 10.59
N VAL B 132 9.36 -2.80 11.77
CA VAL B 132 10.23 -2.57 12.90
C VAL B 132 10.31 -3.85 13.72
N VAL B 133 11.54 -4.27 14.02
CA VAL B 133 11.75 -5.50 14.76
C VAL B 133 12.05 -5.30 16.25
N TYR B 134 11.28 -5.97 17.09
CA TYR B 134 11.45 -5.87 18.54
C TYR B 134 11.91 -7.23 19.04
N PRO B 135 13.10 -7.28 19.65
CA PRO B 135 13.74 -8.48 20.20
C PRO B 135 13.16 -9.16 21.40
N SER B 136 12.40 -8.43 22.19
CA SER B 136 11.80 -8.97 23.42
C SER B 136 10.34 -8.63 23.59
N ASN B 137 9.65 -9.41 24.40
CA ASN B 137 8.24 -9.16 24.67
C ASN B 137 8.14 -7.80 25.36
N GLN B 138 9.15 -7.50 26.19
CA GLN B 138 9.18 -6.24 26.92
C GLN B 138 9.26 -5.05 25.98
N THR B 139 10.16 -5.14 25.02
CA THR B 139 10.33 -4.07 24.05
C THR B 139 9.07 -3.89 23.21
N LEU B 140 8.45 -5.01 22.83
CA LEU B 140 7.22 -4.98 22.03
C LEU B 140 6.15 -4.29 22.86
N LYS B 141 5.95 -4.81 24.06
CA LYS B 141 4.97 -4.27 25.00
C LYS B 141 5.19 -2.77 25.13
N ASP B 142 6.45 -2.39 25.33
CA ASP B 142 6.82 -0.99 25.45
C ASP B 142 6.43 -0.20 24.21
N TYR B 143 6.55 -0.85 23.05
CA TYR B 143 6.21 -0.22 21.79
C TYR B 143 4.74 0.19 21.83
N LEU B 144 3.92 -0.79 22.17
CA LEU B 144 2.49 -0.56 22.26
C LEU B 144 2.20 0.56 23.24
N SER B 145 2.68 0.39 24.47
CA SER B 145 2.49 1.41 25.47
C SER B 145 2.89 2.76 24.89
N TRP B 146 3.99 2.79 24.15
CA TRP B 146 4.43 4.05 23.53
C TRP B 146 3.31 4.62 22.67
N ARG B 147 2.60 3.74 21.97
CA ARG B 147 1.52 4.15 21.10
C ARG B 147 0.28 4.61 21.84
N GLN B 148 -0.24 3.73 22.71
CA GLN B 148 -1.43 4.03 23.50
C GLN B 148 -1.21 5.30 24.29
N ALA B 149 -0.05 5.37 24.95
CA ALA B 149 0.33 6.52 25.75
C ALA B 149 0.40 7.75 24.85
N ASP B 150 0.87 7.58 23.63
CA ASP B 150 0.93 8.71 22.72
C ASP B 150 -0.49 9.16 22.52
N CYS B 151 -1.39 8.18 22.35
CA CYS B 151 -2.82 8.42 22.14
C CYS B 151 -3.39 9.25 23.30
N HIS B 152 -3.22 8.73 24.51
CA HIS B 152 -3.70 9.38 25.73
C HIS B 152 -3.20 10.82 25.90
N ILE B 153 -1.97 11.07 25.47
CA ILE B 153 -1.39 12.40 25.59
C ILE B 153 -1.92 13.33 24.52
N ASN B 154 -2.40 12.77 23.42
CA ASN B 154 -2.90 13.62 22.37
C ASN B 154 -4.37 13.93 22.54
N ASN B 155 -5.11 12.92 22.99
CA ASN B 155 -6.54 13.07 23.20
C ASN B 155 -6.83 14.02 24.34
N LEU B 156 -6.08 13.90 25.43
CA LEU B 156 -6.25 14.79 26.57
C LEU B 156 -5.85 16.21 26.16
N TYR B 157 -4.98 16.34 25.16
CA TYR B 157 -4.56 17.67 24.72
C TYR B 157 -5.55 18.25 23.77
N ASN B 158 -6.00 17.44 22.81
CA ASN B 158 -6.94 17.91 21.81
C ASN B 158 -8.36 18.17 22.36
N THR B 159 -8.80 17.31 23.27
CA THR B 159 -10.12 17.44 23.90
C THR B 159 -10.26 18.84 24.49
N VAL B 160 -9.31 19.23 25.32
CA VAL B 160 -9.32 20.54 25.96
C VAL B 160 -8.81 21.64 25.01
N PHE B 161 -8.21 21.23 23.90
CA PHE B 161 -7.71 22.19 22.93
C PHE B 161 -8.84 22.68 22.06
N TRP B 162 -9.76 21.78 21.73
CA TRP B 162 -10.90 22.13 20.89
C TRP B 162 -12.09 22.67 21.68
N ALA B 163 -12.10 22.42 22.98
CA ALA B 163 -13.17 22.92 23.82
C ALA B 163 -12.97 24.42 24.04
N LEU B 164 -11.72 24.86 23.93
CA LEU B 164 -11.37 26.27 24.11
C LEU B 164 -11.58 27.04 22.82
N ILE B 165 -11.60 26.33 21.69
CA ILE B 165 -11.80 26.97 20.40
C ILE B 165 -13.27 27.00 20.07
N GLN B 166 -13.92 25.86 20.25
CA GLN B 166 -15.34 25.75 19.96
C GLN B 166 -16.20 26.30 21.09
N GLN B 167 -16.37 25.53 22.15
CA GLN B 167 -17.19 25.94 23.29
C GLN B 167 -16.69 27.12 24.15
N SER B 168 -15.51 27.64 23.84
CA SER B 168 -14.97 28.77 24.58
C SER B 168 -14.67 29.98 23.68
N GLY B 169 -14.81 29.78 22.37
CA GLY B 169 -14.57 30.84 21.42
C GLY B 169 -13.19 31.46 21.41
N LEU B 170 -12.16 30.61 21.38
CA LEU B 170 -10.78 31.09 21.35
C LEU B 170 -10.10 30.66 20.05
N THR B 171 -9.28 31.57 19.50
CA THR B 171 -8.55 31.27 18.27
C THR B 171 -7.49 30.22 18.65
N PRO B 172 -7.09 29.38 17.69
CA PRO B 172 -6.09 28.36 18.01
C PRO B 172 -4.84 28.93 18.71
N VAL B 173 -4.23 29.94 18.12
CA VAL B 173 -3.02 30.56 18.69
C VAL B 173 -3.15 30.83 20.19
N GLN B 174 -4.37 31.08 20.65
CA GLN B 174 -4.65 31.34 22.06
C GLN B 174 -4.64 30.05 22.89
N ALA B 175 -5.55 29.14 22.53
CA ALA B 175 -5.68 27.86 23.23
C ALA B 175 -4.35 27.16 23.43
N GLN B 176 -3.41 27.35 22.51
CA GLN B 176 -2.10 26.72 22.63
C GLN B 176 -1.30 27.51 23.65
N GLY B 177 -1.42 28.84 23.58
CA GLY B 177 -0.71 29.70 24.51
C GLY B 177 -1.22 29.49 25.92
N ARG B 178 -2.49 29.13 26.05
CA ARG B 178 -3.10 28.90 27.35
C ARG B 178 -2.77 27.51 27.92
N LEU B 179 -2.60 26.51 27.05
CA LEU B 179 -2.29 25.15 27.49
C LEU B 179 -0.79 24.88 27.65
N GLN B 180 0.03 25.79 27.14
CA GLN B 180 1.48 25.64 27.26
C GLN B 180 1.92 25.53 28.72
N GLY B 181 2.57 24.43 29.06
CA GLY B 181 3.05 24.28 30.42
C GLY B 181 2.10 23.61 31.38
N THR B 182 0.90 23.26 30.92
CA THR B 182 -0.05 22.61 31.81
C THR B 182 0.35 21.18 32.05
N LEU B 183 0.06 20.67 33.23
CA LEU B 183 0.36 19.30 33.60
C LEU B 183 -0.86 18.47 33.26
N ALA B 184 -0.86 17.22 33.72
CA ALA B 184 -1.98 16.33 33.47
C ALA B 184 -3.21 16.86 34.20
N ALA B 185 -3.09 17.08 35.51
CA ALA B 185 -4.18 17.60 36.32
C ALA B 185 -4.57 19.01 35.89
N ASP B 186 -3.65 19.70 35.24
CA ASP B 186 -3.89 21.06 34.77
C ASP B 186 -4.95 21.10 33.69
N LYS B 187 -4.77 20.28 32.66
CA LYS B 187 -5.74 20.25 31.58
C LYS B 187 -7.03 19.59 32.07
N ASN B 188 -6.87 18.47 32.76
CA ASN B 188 -8.01 17.71 33.28
C ASN B 188 -8.93 18.58 34.11
N GLU B 189 -8.37 19.64 34.69
CA GLU B 189 -9.16 20.56 35.50
C GLU B 189 -9.80 21.60 34.60
N ILE B 190 -9.03 22.12 33.65
CA ILE B 190 -9.54 23.12 32.73
C ILE B 190 -10.81 22.59 32.06
N LEU B 191 -10.96 21.27 32.05
CA LEU B 191 -12.13 20.61 31.47
C LEU B 191 -13.28 20.60 32.46
N PHE B 192 -13.11 19.81 33.52
CA PHE B 192 -14.10 19.66 34.58
C PHE B 192 -14.67 20.98 35.10
N SER B 193 -13.82 22.00 35.22
CA SER B 193 -14.25 23.29 35.74
C SER B 193 -14.54 24.39 34.72
N GLU B 194 -14.00 24.26 33.52
CA GLU B 194 -14.22 25.30 32.52
C GLU B 194 -15.25 24.92 31.45
N PHE B 195 -15.66 23.65 31.41
CA PHE B 195 -16.64 23.18 30.43
C PHE B 195 -17.50 22.07 31.02
N ASN B 196 -17.26 21.78 32.30
CA ASN B 196 -18.01 20.76 33.01
C ASN B 196 -17.88 19.40 32.33
N ILE B 197 -16.69 19.14 31.77
CA ILE B 197 -16.42 17.87 31.09
C ILE B 197 -15.52 17.00 31.93
N ASN B 198 -16.01 15.83 32.30
CA ASN B 198 -15.20 14.90 33.08
C ASN B 198 -14.49 13.99 32.08
N TYR B 199 -13.23 14.30 31.80
CA TYR B 199 -12.42 13.55 30.85
C TYR B 199 -12.60 12.05 31.02
N ASN B 200 -12.33 11.57 32.22
CA ASN B 200 -12.43 10.14 32.53
C ASN B 200 -13.72 9.45 32.09
N ASN B 201 -14.70 10.25 31.65
CA ASN B 201 -15.97 9.70 31.19
C ASN B 201 -16.04 9.65 29.66
N GLU B 202 -15.05 10.27 29.01
CA GLU B 202 -14.97 10.30 27.54
C GLU B 202 -14.98 8.88 26.99
N LEU B 203 -15.39 8.71 25.74
CA LEU B 203 -15.43 7.38 25.15
C LEU B 203 -14.08 6.67 25.24
N PRO B 204 -14.08 5.41 25.71
CA PRO B 204 -12.86 4.60 25.87
C PRO B 204 -12.08 4.35 24.56
N MET B 205 -12.64 4.82 23.45
CA MET B 205 -12.04 4.65 22.15
C MET B 205 -11.30 5.94 21.78
N TYR B 206 -11.46 6.96 22.61
CA TYR B 206 -10.82 8.23 22.36
C TYR B 206 -9.58 8.41 23.24
N ARG B 207 -9.64 7.86 24.45
CA ARG B 207 -8.54 8.00 25.39
C ARG B 207 -7.73 6.74 25.62
N LYS B 208 -8.08 5.66 24.93
CA LYS B 208 -7.33 4.41 25.03
C LYS B 208 -7.00 3.86 23.65
N GLY B 209 -7.68 4.40 22.62
CA GLY B 209 -7.46 3.95 21.25
C GLY B 209 -8.27 2.68 20.93
N THR B 210 -7.69 1.77 20.16
CA THR B 210 -8.40 0.54 19.81
C THR B 210 -7.44 -0.63 19.75
N VAL B 211 -7.87 -1.78 20.26
CA VAL B 211 -7.06 -2.99 20.24
C VAL B 211 -7.80 -4.01 19.39
N LEU B 212 -7.11 -5.03 18.90
CA LEU B 212 -7.73 -6.06 18.08
C LEU B 212 -7.17 -7.44 18.39
N ILE B 213 -8.05 -8.34 18.81
CA ILE B 213 -7.63 -9.70 19.15
C ILE B 213 -8.59 -10.74 18.57
N TRP B 214 -8.12 -11.99 18.47
CA TRP B 214 -8.96 -13.07 17.94
C TRP B 214 -9.85 -13.67 19.03
N GLN B 215 -11.11 -13.93 18.68
CA GLN B 215 -12.08 -14.49 19.62
C GLN B 215 -13.11 -15.35 18.88
N THR B 243 -12.62 -17.99 14.31
CA THR B 243 -12.79 -16.83 15.19
C THR B 243 -12.67 -15.52 14.41
N LYS B 244 -12.73 -14.39 15.11
CA LYS B 244 -12.63 -13.08 14.45
C LYS B 244 -11.95 -12.01 15.30
N PRO B 245 -11.47 -10.93 14.64
CA PRO B 245 -10.80 -9.79 15.26
C PRO B 245 -11.74 -8.84 16.01
N VAL B 246 -11.94 -9.09 17.30
CA VAL B 246 -12.82 -8.27 18.12
C VAL B 246 -12.16 -7.01 18.68
N PRO B 247 -12.71 -5.83 18.37
CA PRO B 247 -12.13 -4.57 18.86
C PRO B 247 -12.36 -4.37 20.36
N LEU B 248 -11.44 -3.66 21.01
CA LEU B 248 -11.54 -3.39 22.44
C LEU B 248 -10.96 -2.01 22.68
N HIS B 249 -11.25 -1.44 23.84
CA HIS B 249 -10.73 -0.12 24.19
C HIS B 249 -10.22 -0.13 25.62
N CYS B 250 -9.52 -1.19 25.97
CA CYS B 250 -8.98 -1.35 27.30
C CYS B 250 -7.51 -0.96 27.33
N ASP B 251 -6.97 -0.80 28.53
CA ASP B 251 -5.56 -0.44 28.67
C ASP B 251 -4.67 -1.65 28.38
N ILE B 252 -3.62 -1.43 27.61
CA ILE B 252 -2.70 -2.50 27.25
C ILE B 252 -1.32 -2.23 27.85
N ILE B 253 -1.22 -1.12 28.60
CA ILE B 253 0.02 -0.73 29.25
C ILE B 253 0.17 -1.44 30.58
N GLY B 254 -0.94 -1.92 31.12
CA GLY B 254 -0.90 -2.61 32.40
C GLY B 254 -0.89 -4.13 32.32
N ASP B 255 0.00 -4.73 33.11
CA ASP B 255 0.17 -6.18 33.20
C ASP B 255 -1.15 -6.93 33.11
N ALA B 256 -2.18 -6.38 33.74
CA ALA B 256 -3.50 -6.99 33.73
C ALA B 256 -3.86 -7.48 32.34
N PHE B 257 -4.05 -6.55 31.41
CA PHE B 257 -4.41 -6.91 30.05
C PHE B 257 -3.66 -8.13 29.53
N TRP B 258 -2.37 -8.19 29.80
CA TRP B 258 -1.55 -9.29 29.31
C TRP B 258 -1.72 -10.58 30.10
N LYS B 259 -1.83 -10.50 31.42
CA LYS B 259 -2.02 -11.71 32.23
C LYS B 259 -3.42 -12.25 31.90
N GLU B 260 -4.27 -11.36 31.40
CA GLU B 260 -5.63 -11.71 31.02
C GLU B 260 -5.64 -12.36 29.64
N HIS B 261 -4.63 -12.04 28.84
CA HIS B 261 -4.51 -12.57 27.48
C HIS B 261 -3.08 -13.04 27.21
N PRO B 262 -2.74 -14.26 27.64
CA PRO B 262 -1.42 -14.85 27.47
C PRO B 262 -1.21 -15.63 26.16
N GLU B 263 -2.29 -15.89 25.44
CA GLU B 263 -2.21 -16.63 24.19
C GLU B 263 -1.55 -15.78 23.10
N ILE B 264 -1.48 -14.48 23.38
CA ILE B 264 -0.91 -13.50 22.46
C ILE B 264 0.62 -13.48 22.38
N LEU B 265 1.30 -13.38 23.52
CA LEU B 265 2.77 -13.32 23.54
C LEU B 265 3.48 -14.67 23.69
N ASP B 266 3.13 -15.42 24.73
CA ASP B 266 3.75 -16.73 24.93
C ASP B 266 3.08 -17.72 23.99
N GLU B 267 3.66 -17.88 22.81
CA GLU B 267 3.12 -18.78 21.80
C GLU B 267 4.21 -19.66 21.19
#